data_6Y2X
#
_entry.id   6Y2X
#
_cell.length_a   41.756
_cell.length_b   219.585
_cell.length_c   120.822
_cell.angle_alpha   90.000
_cell.angle_beta   90.000
_cell.angle_gamma   90.000
#
_symmetry.space_group_name_H-M   'C 2 2 21'
#
loop_
_entity.id
_entity.type
_entity.pdbx_description
1 polymer 'Probable E3 ubiquitin-protein ligase DTX2'
2 non-polymer 'ZINC ION'
3 water water
#
_entity_poly.entity_id   1
_entity_poly.type   'polypeptide(L)'
_entity_poly.pdbx_seq_one_letter_code
;GSEPEPEQVIKNYTEELKVPPDEDCIICMEKLSTASGYSDVTDSKAIGSLAVGHLTKCSHAFHLLCLLAMYCNGNKDGSL
QCPSCKTIYGEKTGTQPQGKMEVLRFQMSLPGHEDCGTILIVYSIPHGIQGPEHPNPGKPFTARGFPRQCYLPDNAQGRK
VLELLKVAWKRRLIFTVGTSSTTGETDTVVWNEIHHKTEMDRNITGHGYPDPNYLQNVLAELAAQGVTEDCLEQQ
;
_entity_poly.pdbx_strand_id   A,B
#
loop_
_chem_comp.id
_chem_comp.type
_chem_comp.name
_chem_comp.formula
ZN non-polymer 'ZINC ION' 'Zn 2'
#
# COMPACT_ATOMS: atom_id res chain seq x y z
N PRO A 4 11.30 1.36 -3.20
CA PRO A 4 11.61 2.59 -3.92
C PRO A 4 11.83 2.35 -5.40
N GLU A 5 12.13 1.09 -5.76
CA GLU A 5 12.45 0.74 -7.14
C GLU A 5 11.17 0.75 -7.98
N PRO A 6 11.27 1.14 -9.26
CA PRO A 6 10.04 1.46 -10.02
C PRO A 6 9.06 0.31 -10.12
N GLU A 7 9.53 -0.93 -10.28
CA GLU A 7 8.60 -2.05 -10.22
C GLU A 7 8.05 -2.24 -8.81
N GLN A 8 8.86 -1.94 -7.79
CA GLN A 8 8.41 -2.19 -6.42
C GLN A 8 7.26 -1.26 -6.03
N VAL A 9 7.28 -0.01 -6.48
CA VAL A 9 6.25 0.91 -6.04
C VAL A 9 4.89 0.56 -6.66
N ILE A 10 4.89 0.04 -7.88
CA ILE A 10 3.62 -0.35 -8.53
C ILE A 10 2.98 -1.51 -7.78
N LYS A 11 3.76 -2.54 -7.43
CA LYS A 11 3.23 -3.60 -6.58
C LYS A 11 2.79 -3.07 -5.23
N ASN A 12 3.51 -2.08 -4.68
CA ASN A 12 3.17 -1.53 -3.38
C ASN A 12 1.75 -0.99 -3.35
N TYR A 13 1.33 -0.34 -4.45
CA TYR A 13 0.05 0.38 -4.50
C TYR A 13 -1.01 -0.38 -5.28
N THR A 14 -0.79 -1.64 -5.62
CA THR A 14 -1.77 -2.37 -6.38
C THR A 14 -2.01 -3.72 -5.75
N GLU A 15 -3.19 -4.28 -6.06
CA GLU A 15 -3.56 -5.62 -5.67
C GLU A 15 -4.03 -6.36 -6.91
N GLU A 16 -3.59 -7.62 -7.05
CA GLU A 16 -3.90 -8.40 -8.24
C GLU A 16 -5.40 -8.55 -8.43
N LEU A 17 -5.85 -8.44 -9.66
CA LEU A 17 -7.24 -8.73 -10.02
C LEU A 17 -7.24 -10.11 -10.65
N LYS A 18 -7.68 -11.10 -9.86
CA LYS A 18 -7.76 -12.48 -10.33
C LYS A 18 -8.51 -12.54 -11.67
N VAL A 19 -9.79 -12.23 -11.64
CA VAL A 19 -10.60 -12.11 -12.85
C VAL A 19 -10.77 -10.63 -13.16
N PRO A 20 -10.15 -10.10 -14.22
CA PRO A 20 -10.42 -8.73 -14.62
C PRO A 20 -11.80 -8.61 -15.23
N PRO A 21 -12.67 -7.78 -14.67
CA PRO A 21 -14.01 -7.60 -15.28
C PRO A 21 -13.90 -7.01 -16.67
N ASP A 22 -15.02 -7.08 -17.39
CA ASP A 22 -15.04 -6.63 -18.78
C ASP A 22 -14.97 -5.12 -18.87
N GLU A 23 -13.76 -4.58 -19.01
CA GLU A 23 -13.58 -3.14 -19.07
C GLU A 23 -12.22 -2.85 -19.68
N ASP A 24 -12.07 -1.61 -20.16
CA ASP A 24 -10.82 -1.19 -20.78
C ASP A 24 -9.91 -0.51 -19.77
N CYS A 25 -8.61 -0.56 -20.05
CA CYS A 25 -7.61 0.14 -19.26
C CYS A 25 -7.47 1.55 -19.81
N ILE A 26 -7.77 2.55 -18.97
CA ILE A 26 -7.80 3.93 -19.45
C ILE A 26 -6.42 4.46 -19.83
N ILE A 27 -5.36 3.71 -19.56
CA ILE A 27 -4.03 4.16 -19.95
C ILE A 27 -3.70 3.78 -21.39
N CYS A 28 -4.10 2.58 -21.84
CA CYS A 28 -3.79 2.13 -23.19
C CYS A 28 -5.00 1.85 -24.05
N MET A 29 -6.21 1.94 -23.50
CA MET A 29 -7.50 1.74 -24.17
C MET A 29 -7.77 0.29 -24.55
N GLU A 30 -6.83 -0.63 -24.34
CA GLU A 30 -7.08 -2.04 -24.57
C GLU A 30 -7.80 -2.65 -23.37
N LYS A 31 -8.72 -3.57 -23.65
CA LYS A 31 -9.51 -4.18 -22.58
C LYS A 31 -8.60 -4.91 -21.60
N LEU A 32 -8.96 -4.85 -20.32
CA LEU A 32 -8.13 -5.48 -19.29
C LEU A 32 -7.97 -6.98 -19.53
N SER A 33 -9.00 -7.63 -20.09
CA SER A 33 -8.92 -9.06 -20.37
C SER A 33 -7.96 -9.39 -21.49
N THR A 34 -7.45 -8.41 -22.22
CA THR A 34 -6.48 -8.61 -23.29
C THR A 34 -5.18 -7.88 -22.94
N ALA A 35 -4.23 -7.91 -23.86
CA ALA A 35 -2.87 -7.49 -23.57
C ALA A 35 -2.77 -5.98 -23.36
N SER A 36 -1.77 -5.60 -22.57
CA SER A 36 -1.43 -4.20 -22.37
C SER A 36 -0.99 -3.56 -23.67
N GLY A 37 -1.54 -2.39 -23.99
CA GLY A 37 -1.16 -1.65 -25.18
C GLY A 37 0.26 -1.11 -25.16
N TYR A 38 0.92 -1.11 -23.99
CA TYR A 38 2.29 -0.63 -23.87
C TYR A 38 3.28 -1.76 -23.63
N SER A 39 2.86 -3.01 -23.83
CA SER A 39 3.76 -4.16 -23.62
C SER A 39 4.94 -4.14 -24.60
N ASP A 40 4.76 -3.56 -25.78
CA ASP A 40 5.84 -3.53 -26.76
C ASP A 40 6.96 -2.58 -26.35
N VAL A 41 6.66 -1.58 -25.51
CA VAL A 41 7.61 -0.54 -25.15
C VAL A 41 8.23 -0.79 -23.78
N THR A 42 7.43 -1.22 -22.81
CA THR A 42 7.85 -1.31 -21.42
C THR A 42 8.23 -2.75 -21.08
N ASP A 43 9.43 -2.93 -20.53
CA ASP A 43 9.89 -4.22 -20.04
C ASP A 43 10.04 -4.18 -18.53
N SER A 44 9.76 -5.31 -17.88
CA SER A 44 9.80 -5.44 -16.43
C SER A 44 10.30 -6.82 -16.05
N LYS A 45 10.58 -7.00 -14.75
CA LYS A 45 11.04 -8.29 -14.27
C LYS A 45 9.90 -9.19 -13.83
N ALA A 46 8.96 -8.65 -13.05
CA ALA A 46 7.90 -9.45 -12.45
C ALA A 46 6.51 -9.04 -12.93
N ILE A 47 6.43 -8.27 -14.01
CA ILE A 47 5.15 -7.78 -14.51
C ILE A 47 5.08 -8.08 -16.00
N GLY A 48 4.10 -8.90 -16.39
CA GLY A 48 3.87 -9.26 -17.77
C GLY A 48 2.77 -8.42 -18.41
N SER A 49 2.56 -8.69 -19.70
CA SER A 49 1.64 -7.87 -20.49
C SER A 49 0.19 -8.06 -20.07
N LEU A 50 -0.13 -9.21 -19.47
CA LEU A 50 -1.50 -9.53 -19.10
C LEU A 50 -1.80 -9.23 -17.63
N ALA A 51 -0.81 -8.78 -16.86
CA ALA A 51 -1.03 -8.56 -15.44
C ALA A 51 -1.90 -7.33 -15.26
N VAL A 52 -2.99 -7.50 -14.53
CA VAL A 52 -3.94 -6.44 -14.25
C VAL A 52 -4.13 -6.38 -12.74
N GLY A 53 -4.34 -5.18 -12.23
CA GLY A 53 -4.51 -5.02 -10.79
C GLY A 53 -5.17 -3.69 -10.55
N HIS A 54 -5.62 -3.50 -9.32
CA HIS A 54 -6.32 -2.27 -8.96
C HIS A 54 -5.55 -1.51 -7.88
N LEU A 55 -5.66 -0.18 -7.94
CA LEU A 55 -5.06 0.66 -6.91
C LEU A 55 -5.80 0.45 -5.59
N THR A 56 -5.06 0.54 -4.49
CA THR A 56 -5.51 -0.04 -3.23
C THR A 56 -6.42 0.86 -2.40
N LYS A 57 -6.73 2.08 -2.85
CA LYS A 57 -7.71 2.92 -2.18
C LYS A 57 -8.97 3.17 -2.99
N CYS A 58 -8.83 3.34 -4.31
CA CYS A 58 -9.92 3.74 -5.19
C CYS A 58 -10.42 2.61 -6.08
N SER A 59 -9.76 1.45 -6.06
CA SER A 59 -10.15 0.26 -6.80
C SER A 59 -10.18 0.45 -8.32
N HIS A 60 -9.59 1.52 -8.86
CA HIS A 60 -9.50 1.62 -10.31
C HIS A 60 -8.43 0.67 -10.83
N ALA A 61 -8.70 0.04 -11.97
CA ALA A 61 -7.91 -1.08 -12.47
C ALA A 61 -7.20 -0.73 -13.77
N PHE A 62 -5.96 -1.22 -13.90
CA PHE A 62 -5.15 -1.00 -15.08
C PHE A 62 -4.29 -2.23 -15.31
N HIS A 63 -3.71 -2.31 -16.51
CA HIS A 63 -2.56 -3.17 -16.69
C HIS A 63 -1.43 -2.66 -15.82
N LEU A 64 -0.79 -3.55 -15.07
CA LEU A 64 0.30 -3.11 -14.20
C LEU A 64 1.45 -2.54 -15.00
N LEU A 65 1.70 -3.09 -16.20
CA LEU A 65 2.75 -2.54 -17.06
C LEU A 65 2.42 -1.11 -17.49
N CYS A 66 1.13 -0.82 -17.71
CA CYS A 66 0.73 0.55 -18.05
C CYS A 66 1.06 1.50 -16.92
N LEU A 67 0.69 1.14 -15.69
CA LEU A 67 1.01 1.95 -14.52
C LEU A 67 2.52 2.12 -14.36
N LEU A 68 3.28 1.07 -14.61
CA LEU A 68 4.74 1.16 -14.54
C LEU A 68 5.28 2.14 -15.58
N ALA A 69 4.79 2.06 -16.81
CA ALA A 69 5.25 3.00 -17.83
C ALA A 69 4.92 4.43 -17.43
N MET A 70 3.79 4.61 -16.77
CA MET A 70 3.43 5.94 -16.25
C MET A 70 4.39 6.38 -15.16
N TYR A 71 4.59 5.55 -14.13
CA TYR A 71 5.51 5.93 -13.06
C TYR A 71 6.92 6.18 -13.59
N ASN A 73 8.30 7.50 -16.45
CA ASN A 73 8.04 8.74 -17.15
C ASN A 73 7.67 9.89 -16.20
N GLY A 74 8.27 9.89 -15.01
CA GLY A 74 7.93 10.87 -14.01
C GLY A 74 9.04 11.06 -12.98
N ASN A 75 8.66 11.66 -11.84
CA ASN A 75 9.63 12.08 -10.84
C ASN A 75 10.35 10.92 -10.17
N LYS A 76 9.72 9.74 -10.13
CA LYS A 76 10.23 8.59 -9.38
C LYS A 76 10.52 8.97 -7.92
N ASP A 77 9.53 9.59 -7.27
CA ASP A 77 9.65 9.98 -5.88
C ASP A 77 8.88 9.03 -4.97
N GLY A 78 8.61 7.81 -5.44
CA GLY A 78 7.85 6.86 -4.68
C GLY A 78 6.35 7.11 -4.66
N SER A 79 5.86 8.12 -5.36
CA SER A 79 4.45 8.46 -5.36
C SER A 79 3.82 8.03 -6.68
N LEU A 80 2.52 7.77 -6.64
CA LEU A 80 1.78 7.31 -7.82
C LEU A 80 0.39 7.91 -7.77
N GLN A 81 -0.06 8.44 -8.89
CA GLN A 81 -1.34 9.13 -8.99
C GLN A 81 -2.26 8.40 -9.94
N CYS A 82 -3.46 8.05 -9.47
CA CYS A 82 -4.44 7.37 -10.30
C CYS A 82 -4.78 8.25 -11.52
N PRO A 83 -4.60 7.76 -12.74
CA PRO A 83 -5.00 8.58 -13.89
C PRO A 83 -6.50 8.81 -13.96
N SER A 84 -7.29 7.96 -13.30
CA SER A 84 -8.74 8.09 -13.37
C SER A 84 -9.26 9.13 -12.38
N CYS A 85 -9.01 8.94 -11.09
CA CYS A 85 -9.55 9.83 -10.08
C CYS A 85 -8.52 10.76 -9.46
N LYS A 86 -7.25 10.68 -9.88
CA LYS A 86 -6.13 11.50 -9.42
C LYS A 86 -5.79 11.30 -7.95
N THR A 87 -6.36 10.27 -7.31
CA THR A 87 -5.94 9.90 -5.97
C THR A 87 -4.44 9.66 -5.92
N ILE A 88 -3.79 10.25 -4.93
CA ILE A 88 -2.34 10.18 -4.81
C ILE A 88 -1.99 9.05 -3.86
N TYR A 89 -1.17 8.13 -4.34
CA TYR A 89 -0.63 7.06 -3.54
C TYR A 89 0.78 7.44 -3.10
N GLY A 90 1.04 7.33 -1.82
CA GLY A 90 2.30 7.77 -1.29
C GLY A 90 2.30 9.28 -1.09
N GLU A 91 3.46 9.88 -1.22
CA GLU A 91 3.57 11.30 -0.92
C GLU A 91 4.60 11.91 -1.85
N LYS A 92 4.19 12.90 -2.63
CA LYS A 92 5.13 13.62 -3.47
C LYS A 92 6.09 14.41 -2.58
N THR A 93 7.39 14.22 -2.80
CA THR A 93 8.40 15.07 -2.18
C THR A 93 9.34 15.59 -3.26
N GLY A 94 10.20 16.53 -2.87
CA GLY A 94 11.08 17.16 -3.82
C GLY A 94 12.55 17.14 -3.43
N THR A 95 13.33 18.03 -4.04
CA THR A 95 14.78 18.04 -3.90
C THR A 95 15.28 19.31 -3.21
N GLN A 96 14.41 20.01 -2.52
CA GLN A 96 14.78 21.16 -1.73
C GLN A 96 15.98 20.84 -0.83
N PRO A 97 17.07 21.57 -0.91
CA PRO A 97 18.20 21.29 -0.03
C PRO A 97 17.90 21.71 1.39
N GLN A 98 18.82 21.38 2.30
CA GLN A 98 18.59 21.69 3.70
C GLN A 98 18.58 23.19 3.89
N GLY A 99 17.78 23.65 4.85
CA GLY A 99 17.69 25.07 5.14
C GLY A 99 16.74 25.34 6.29
N LYS A 100 16.23 26.57 6.35
CA LYS A 100 15.48 27.01 7.53
C LYS A 100 14.30 27.85 7.07
N MET A 101 13.14 27.61 7.69
CA MET A 101 11.95 28.42 7.43
C MET A 101 11.47 28.99 8.75
N GLU A 102 11.21 30.30 8.76
CA GLU A 102 10.78 30.96 9.99
C GLU A 102 9.55 31.76 9.67
N VAL A 103 8.61 31.84 10.61
CA VAL A 103 7.33 32.49 10.36
C VAL A 103 7.09 33.52 11.43
N LEU A 104 6.71 34.73 11.01
CA LEU A 104 6.40 35.85 11.91
C LEU A 104 5.04 36.42 11.53
N ARG A 105 4.52 37.25 12.40
CA ARG A 105 3.24 37.90 12.11
C ARG A 105 3.31 39.32 12.64
N PHE A 106 2.96 40.31 11.82
CA PHE A 106 2.90 41.68 12.34
C PHE A 106 1.58 42.34 11.96
N GLN A 107 1.30 43.48 12.61
CA GLN A 107 -0.02 44.09 12.50
C GLN A 107 -0.20 44.90 11.23
N MET A 108 0.88 45.43 10.65
CA MET A 108 0.77 46.25 9.45
C MET A 108 0.11 45.45 8.33
N SER A 109 -0.68 46.13 7.51
CA SER A 109 -1.49 45.50 6.47
C SER A 109 -0.75 45.52 5.13
N LEU A 110 -1.00 44.49 4.34
CA LEU A 110 -0.62 44.48 2.95
C LEU A 110 -1.58 45.32 2.12
N PRO A 111 -1.10 45.93 1.03
CA PRO A 111 -2.01 46.60 0.10
C PRO A 111 -3.10 45.65 -0.38
N GLY A 112 -4.34 46.10 -0.30
CA GLY A 112 -5.49 45.29 -0.64
C GLY A 112 -6.02 44.44 0.49
N HIS A 113 -5.40 44.48 1.66
CA HIS A 113 -5.80 43.66 2.81
C HIS A 113 -5.74 44.50 4.08
N GLU A 114 -6.39 45.67 4.03
CA GLU A 114 -6.37 46.61 5.13
C GLU A 114 -7.15 46.14 6.34
N ASP A 115 -7.92 45.08 6.22
CA ASP A 115 -8.70 44.53 7.32
C ASP A 115 -7.94 43.50 8.15
N CYS A 116 -6.67 43.22 7.85
CA CYS A 116 -5.91 42.26 8.64
C CYS A 116 -4.42 42.62 8.61
N GLY A 117 -3.65 41.90 9.42
CA GLY A 117 -2.20 42.03 9.44
C GLY A 117 -1.50 41.18 8.39
N THR A 118 -0.22 40.92 8.62
CA THR A 118 0.61 40.30 7.60
C THR A 118 1.39 39.12 8.15
N ILE A 119 1.37 38.01 7.44
CA ILE A 119 2.24 36.87 7.73
C ILE A 119 3.53 37.04 6.95
N LEU A 120 4.66 36.92 7.65
CA LEU A 120 5.99 37.03 7.07
C LEU A 120 6.68 35.67 7.17
N ILE A 121 7.01 35.10 6.03
CA ILE A 121 7.77 33.84 5.99
C ILE A 121 9.17 34.21 5.55
N VAL A 122 10.17 33.74 6.29
CA VAL A 122 11.56 33.95 5.90
C VAL A 122 12.19 32.59 5.63
N TYR A 123 12.77 32.43 4.44
CA TYR A 123 13.46 31.20 4.06
C TYR A 123 14.95 31.44 3.98
N SER A 124 15.74 30.46 4.39
CA SER A 124 17.17 30.58 4.18
C SER A 124 17.73 29.22 3.81
N ILE A 125 18.36 29.11 2.64
CA ILE A 125 18.99 27.87 2.22
C ILE A 125 20.47 28.15 1.93
N PRO A 126 21.39 27.48 2.60
CA PRO A 126 22.81 27.72 2.32
C PRO A 126 23.26 26.96 1.08
N HIS A 127 24.39 27.39 0.54
N HIS A 127 24.39 27.37 0.55
CA HIS A 127 25.07 26.61 -0.48
CA HIS A 127 25.02 26.59 -0.51
C HIS A 127 25.40 25.23 0.07
C HIS A 127 25.53 25.27 0.05
N GLY A 128 25.72 24.30 -0.83
CA GLY A 128 26.10 22.97 -0.41
C GLY A 128 26.49 22.08 -1.57
N ILE A 129 26.41 20.77 -1.33
CA ILE A 129 26.80 19.75 -2.30
C ILE A 129 25.54 19.01 -2.74
N GLN A 130 25.36 18.84 -4.05
CA GLN A 130 24.20 18.12 -4.56
C GLN A 130 24.24 16.66 -4.11
N GLY A 131 23.07 16.12 -3.78
CA GLY A 131 22.92 14.72 -3.45
C GLY A 131 22.50 13.90 -4.64
N PRO A 132 22.28 12.60 -4.43
CA PRO A 132 21.93 11.72 -5.55
C PRO A 132 20.59 12.06 -6.21
N GLU A 133 19.73 12.82 -5.55
CA GLU A 133 18.45 13.22 -6.12
C GLU A 133 18.53 14.49 -6.96
N HIS A 134 19.70 15.09 -7.07
CA HIS A 134 19.93 16.37 -7.70
C HIS A 134 20.50 16.20 -9.11
N PRO A 135 20.47 17.26 -9.94
CA PRO A 135 20.94 17.11 -11.32
C PRO A 135 22.36 16.57 -11.45
N ASN A 136 23.31 17.09 -10.66
CA ASN A 136 24.71 16.72 -10.75
C ASN A 136 25.18 16.27 -9.37
N PRO A 137 24.81 15.06 -8.95
CA PRO A 137 25.17 14.58 -7.62
C PRO A 137 26.66 14.72 -7.35
N GLY A 138 26.98 15.18 -6.14
CA GLY A 138 28.36 15.39 -5.77
C GLY A 138 28.94 16.73 -6.19
N LYS A 139 28.28 17.46 -7.09
CA LYS A 139 28.76 18.76 -7.50
C LYS A 139 28.19 19.85 -6.59
N PRO A 140 28.85 21.00 -6.47
CA PRO A 140 28.30 22.07 -5.63
C PRO A 140 26.98 22.56 -6.19
N PHE A 141 26.19 23.18 -5.32
CA PHE A 141 25.09 24.05 -5.74
C PHE A 141 25.21 25.35 -4.97
N THR A 142 24.73 26.42 -5.59
CA THR A 142 24.75 27.74 -4.98
C THR A 142 23.33 28.12 -4.59
N ALA A 143 23.23 29.19 -3.82
CA ALA A 143 21.93 29.60 -3.28
C ALA A 143 21.99 31.12 -3.13
N ARG A 144 21.28 31.81 -4.01
CA ARG A 144 21.36 33.26 -4.12
C ARG A 144 20.13 33.90 -3.51
N GLY A 145 20.33 35.14 -3.04
CA GLY A 145 19.17 35.91 -2.61
C GLY A 145 18.62 35.55 -1.26
N PHE A 146 19.29 34.69 -0.49
CA PHE A 146 18.80 34.36 0.84
C PHE A 146 19.42 35.26 1.90
N PRO A 147 18.68 35.56 2.98
CA PRO A 147 17.33 35.07 3.31
C PRO A 147 16.26 35.70 2.42
N ARG A 148 15.26 34.94 2.01
CA ARG A 148 14.20 35.44 1.16
C ARG A 148 12.96 35.67 2.00
N GLN A 149 12.39 36.85 1.92
CA GLN A 149 11.17 37.18 2.66
C GLN A 149 9.97 37.04 1.74
N CYS A 150 8.90 36.45 2.26
CA CYS A 150 7.64 36.27 1.55
C CYS A 150 6.48 36.69 2.45
N TYR A 151 5.36 37.08 1.83
CA TYR A 151 4.27 37.76 2.51
C TYR A 151 2.95 37.10 2.21
N LEU A 152 2.09 37.02 3.22
CA LEU A 152 0.74 36.52 3.10
C LEU A 152 -0.16 37.41 3.96
N PRO A 153 -1.38 37.70 3.52
CA PRO A 153 -2.29 38.45 4.40
C PRO A 153 -2.69 37.55 5.56
N ASP A 154 -2.83 38.14 6.75
CA ASP A 154 -3.16 37.34 7.92
C ASP A 154 -4.67 37.21 8.09
N ASN A 155 -5.31 36.65 7.05
CA ASN A 155 -6.74 36.40 7.10
C ASN A 155 -6.94 34.89 7.06
N ALA A 156 -8.20 34.46 7.01
CA ALA A 156 -8.47 33.02 7.07
C ALA A 156 -7.77 32.28 5.95
N GLN A 157 -7.85 32.79 4.71
CA GLN A 157 -7.23 32.10 3.59
C GLN A 157 -5.70 32.13 3.69
N GLY A 158 -5.12 33.27 4.06
CA GLY A 158 -3.66 33.32 4.17
C GLY A 158 -3.13 32.40 5.25
N ARG A 159 -3.88 32.23 6.33
CA ARG A 159 -3.48 31.34 7.40
C ARG A 159 -3.52 29.89 6.94
N LYS A 160 -4.50 29.55 6.09
CA LYS A 160 -4.57 28.22 5.53
C LYS A 160 -3.40 27.96 4.60
N VAL A 161 -3.13 28.92 3.70
CA VAL A 161 -1.97 28.81 2.81
C VAL A 161 -0.69 28.62 3.62
N LEU A 162 -0.55 29.38 4.72
CA LEU A 162 0.64 29.22 5.54
C LEU A 162 0.78 27.78 6.04
N GLU A 163 -0.31 27.19 6.52
CA GLU A 163 -0.25 25.83 7.03
C GLU A 163 0.13 24.86 5.91
N LEU A 164 -0.36 25.10 4.70
CA LEU A 164 0.02 24.24 3.57
C LEU A 164 1.46 24.47 3.14
N LEU A 165 1.93 25.72 3.21
CA LEU A 165 3.34 25.96 2.86
C LEU A 165 4.27 25.24 3.83
N LYS A 166 3.90 25.17 5.10
CA LYS A 166 4.74 24.43 6.05
C LYS A 166 4.80 22.96 5.70
N VAL A 167 3.68 22.40 5.27
CA VAL A 167 3.70 21.01 4.80
C VAL A 167 4.58 20.86 3.56
N ALA A 168 4.44 21.78 2.58
CA ALA A 168 5.27 21.71 1.39
C ALA A 168 6.75 21.84 1.73
N TRP A 169 7.07 22.72 2.69
CA TRP A 169 8.45 22.84 3.16
C TRP A 169 8.96 21.50 3.72
N LYS A 170 8.16 20.85 4.54
CA LYS A 170 8.61 19.59 5.13
C LYS A 170 8.73 18.50 4.08
N ARG A 171 8.00 18.64 2.98
CA ARG A 171 8.09 17.72 1.86
C ARG A 171 9.13 18.13 0.83
N ARG A 172 9.94 19.14 1.14
CA ARG A 172 11.03 19.56 0.26
C ARG A 172 10.51 20.03 -1.10
N LEU A 173 9.36 20.69 -1.10
CA LEU A 173 8.71 21.13 -2.32
C LEU A 173 8.81 22.63 -2.58
N ILE A 174 9.26 23.44 -1.63
CA ILE A 174 9.25 24.90 -1.88
C ILE A 174 10.33 25.29 -2.88
N PHE A 175 11.55 24.76 -2.71
CA PHE A 175 12.67 25.06 -3.60
C PHE A 175 13.16 23.77 -4.24
N THR A 176 13.92 23.93 -5.32
CA THR A 176 14.59 22.84 -5.99
C THR A 176 15.96 23.33 -6.41
N VAL A 177 16.78 22.43 -6.95
CA VAL A 177 18.06 22.81 -7.53
C VAL A 177 17.87 22.81 -9.03
N GLY A 178 18.12 23.94 -9.66
CA GLY A 178 17.86 24.09 -11.08
C GLY A 178 18.53 25.30 -11.66
N THR A 179 17.90 25.91 -12.66
CA THR A 179 18.44 27.02 -13.41
C THR A 179 17.63 28.26 -13.09
N SER A 180 18.29 29.35 -12.77
CA SER A 180 17.58 30.55 -12.37
C SER A 180 16.93 31.18 -13.59
N SER A 181 15.62 31.39 -13.51
CA SER A 181 14.92 32.05 -14.59
C SER A 181 15.35 33.50 -14.77
N THR A 182 16.10 34.08 -13.84
CA THR A 182 16.51 35.48 -13.98
C THR A 182 17.97 35.67 -14.34
N THR A 183 18.89 34.85 -13.83
CA THR A 183 20.31 35.03 -14.14
C THR A 183 20.87 33.98 -15.08
N GLY A 184 20.12 32.91 -15.34
CA GLY A 184 20.66 31.82 -16.11
C GLY A 184 21.64 30.94 -15.34
N GLU A 185 21.91 31.24 -14.07
CA GLU A 185 22.81 30.41 -13.29
C GLU A 185 22.24 28.99 -13.17
N THR A 186 23.09 28.02 -13.45
CA THR A 186 22.72 26.62 -13.36
C THR A 186 23.14 26.05 -12.01
N ASP A 187 22.53 24.91 -11.66
CA ASP A 187 22.82 24.20 -10.43
C ASP A 187 22.70 25.12 -9.22
N THR A 188 21.59 25.85 -9.15
CA THR A 188 21.37 26.82 -8.09
C THR A 188 19.98 26.62 -7.51
N VAL A 189 19.79 27.11 -6.28
CA VAL A 189 18.53 26.95 -5.56
C VAL A 189 17.51 27.94 -6.12
N VAL A 190 16.39 27.41 -6.64
CA VAL A 190 15.36 28.23 -7.30
C VAL A 190 14.00 27.81 -6.77
N TRP A 191 13.00 28.65 -7.05
CA TRP A 191 11.62 28.28 -6.74
C TRP A 191 11.17 27.04 -7.54
N ASN A 192 10.13 26.37 -7.03
CA ASN A 192 9.70 25.06 -7.53
C ASN A 192 8.18 25.04 -7.79
N GLU A 193 7.69 25.96 -8.61
CA GLU A 193 6.28 25.99 -9.02
C GLU A 193 5.30 26.25 -7.88
N ILE A 194 5.74 26.78 -6.74
CA ILE A 194 4.81 27.27 -5.72
C ILE A 194 5.15 28.75 -5.53
N HIS A 195 4.37 29.61 -6.20
CA HIS A 195 4.71 31.03 -6.33
C HIS A 195 4.53 31.73 -4.99
N HIS A 196 5.55 32.46 -4.56
CA HIS A 196 5.47 33.28 -3.37
C HIS A 196 5.47 34.74 -3.75
N LYS A 197 4.92 35.58 -2.89
CA LYS A 197 5.01 37.03 -3.02
C LYS A 197 6.19 37.51 -2.18
N THR A 198 7.19 38.11 -2.84
CA THR A 198 8.42 38.54 -2.19
C THR A 198 8.47 40.05 -1.93
N GLU A 199 7.44 40.78 -2.29
CA GLU A 199 7.36 42.20 -1.98
C GLU A 199 5.96 42.48 -1.47
N MET A 200 5.82 43.53 -0.65
CA MET A 200 4.48 43.88 -0.22
C MET A 200 3.74 44.69 -1.27
N ASP A 201 4.39 45.68 -1.87
CA ASP A 201 3.75 46.62 -2.78
C ASP A 201 4.17 46.31 -4.21
N ARG A 202 3.22 45.86 -5.03
CA ARG A 202 3.53 45.46 -6.39
C ARG A 202 4.02 46.60 -7.28
N ASN A 203 3.89 47.86 -6.85
CA ASN A 203 4.23 48.96 -7.73
C ASN A 203 5.72 49.25 -7.78
N ILE A 204 6.52 48.67 -6.89
CA ILE A 204 7.96 48.94 -6.91
C ILE A 204 8.64 48.12 -8.00
N THR A 205 8.49 46.80 -7.94
CA THR A 205 9.11 45.93 -8.93
C THR A 205 8.15 45.45 -10.01
N GLY A 206 6.85 45.63 -9.83
CA GLY A 206 5.88 44.97 -10.68
C GLY A 206 5.38 43.66 -10.12
N HIS A 207 5.84 43.27 -8.93
CA HIS A 207 5.48 42.03 -8.29
C HIS A 207 5.16 42.30 -6.82
N GLY A 208 3.98 41.88 -6.38
CA GLY A 208 3.61 41.99 -4.99
C GLY A 208 2.10 42.03 -4.82
N TYR A 209 1.65 42.84 -3.86
CA TYR A 209 0.23 43.02 -3.58
C TYR A 209 -0.23 44.42 -4.00
N PRO A 210 -1.54 44.59 -4.30
CA PRO A 210 -2.59 43.56 -4.25
C PRO A 210 -2.49 42.57 -5.40
N ASP A 211 -3.05 41.38 -5.15
CA ASP A 211 -3.16 40.36 -6.18
C ASP A 211 -4.37 39.51 -5.80
N PRO A 212 -5.56 39.90 -6.24
CA PRO A 212 -6.77 39.19 -5.82
C PRO A 212 -6.77 37.69 -6.11
N ASN A 213 -6.14 37.25 -7.20
CA ASN A 213 -6.13 35.83 -7.51
C ASN A 213 -5.05 35.04 -6.79
N TYR A 214 -4.15 35.71 -6.04
CA TYR A 214 -2.93 35.05 -5.59
C TYR A 214 -3.23 33.82 -4.72
N LEU A 215 -4.07 33.99 -3.71
CA LEU A 215 -4.22 32.93 -2.71
C LEU A 215 -4.90 31.71 -3.33
N GLN A 216 -5.86 31.96 -4.21
CA GLN A 216 -6.50 30.89 -4.95
C GLN A 216 -5.50 30.19 -5.86
N ASN A 217 -4.63 30.97 -6.52
CA ASN A 217 -3.60 30.39 -7.39
C ASN A 217 -2.63 29.51 -6.63
N VAL A 218 -2.14 29.97 -5.47
CA VAL A 218 -1.12 29.20 -4.79
C VAL A 218 -1.72 27.93 -4.15
N LEU A 219 -2.98 28.00 -3.70
CA LEU A 219 -3.62 26.77 -3.23
C LEU A 219 -3.67 25.74 -4.35
N ALA A 220 -3.97 26.18 -5.56
CA ALA A 220 -4.00 25.28 -6.70
C ALA A 220 -2.62 24.72 -6.98
N GLU A 221 -1.58 25.57 -6.88
CA GLU A 221 -0.22 25.10 -7.09
C GLU A 221 0.19 24.08 -6.04
N LEU A 222 -0.19 24.33 -4.79
CA LEU A 222 0.07 23.38 -3.72
C LEU A 222 -0.65 22.05 -3.98
N ALA A 223 -1.91 22.13 -4.38
CA ALA A 223 -2.67 20.90 -4.64
C ALA A 223 -2.07 20.09 -5.78
N ALA A 224 -1.56 20.77 -6.82
CA ALA A 224 -0.92 20.08 -7.93
C ALA A 224 0.31 19.31 -7.47
N GLN A 225 0.95 19.75 -6.40
CA GLN A 225 2.06 19.03 -5.79
C GLN A 225 1.62 18.11 -4.68
N GLY A 226 0.32 17.83 -4.59
CA GLY A 226 -0.20 16.91 -3.60
C GLY A 226 -0.32 17.47 -2.19
N VAL A 227 -0.21 18.78 -2.01
CA VAL A 227 -0.35 19.40 -0.70
C VAL A 227 -1.75 19.98 -0.63
N THR A 228 -2.62 19.37 0.19
CA THR A 228 -4.03 19.71 0.20
C THR A 228 -4.52 19.93 1.63
N GLU A 229 -5.74 20.44 1.75
CA GLU A 229 -6.32 20.63 3.08
C GLU A 229 -6.35 19.33 3.85
N ASP A 230 -6.60 18.21 3.18
N ASP A 230 -6.62 18.21 3.17
CA ASP A 230 -6.61 16.91 3.87
CA ASP A 230 -6.59 16.91 3.84
C ASP A 230 -5.27 16.64 4.54
C ASP A 230 -5.27 16.69 4.57
N CYS A 231 -4.16 17.18 3.99
CA CYS A 231 -2.85 16.94 4.58
C CYS A 231 -2.71 17.57 5.95
N LEU A 232 -3.54 18.56 6.24
CA LEU A 232 -3.49 19.20 7.53
C LEU A 232 -4.21 18.43 8.63
N GLU A 233 -5.05 17.45 8.26
N GLU A 233 -4.97 17.40 8.31
CA GLU A 233 -5.85 16.67 9.20
CA GLU A 233 -5.80 16.80 9.33
C GLU A 233 -5.01 15.58 9.84
C GLU A 233 -5.21 15.45 9.76
N GLN A 234 -5.41 15.15 11.03
CA GLN A 234 -4.73 14.05 11.71
C GLN A 234 -5.74 13.27 12.55
N GLN A 235 -5.66 11.95 12.48
CA GLN A 235 -6.64 11.15 13.19
C GLN A 235 -6.43 11.24 14.70
N PRO B 4 -3.85 -37.24 -7.83
CA PRO B 4 -3.52 -38.65 -8.01
C PRO B 4 -4.46 -39.58 -7.25
N GLU B 5 -4.47 -40.86 -7.65
CA GLU B 5 -5.35 -41.84 -7.03
C GLU B 5 -4.97 -42.02 -5.56
N PRO B 6 -5.96 -42.28 -4.69
CA PRO B 6 -5.68 -42.34 -3.25
C PRO B 6 -4.52 -43.25 -2.86
N GLU B 7 -4.32 -44.36 -3.57
CA GLU B 7 -3.24 -45.27 -3.21
C GLU B 7 -1.87 -44.69 -3.57
N GLN B 8 -1.77 -43.94 -4.67
CA GLN B 8 -0.49 -43.35 -5.03
C GLN B 8 -0.07 -42.27 -4.04
N VAL B 9 -1.03 -41.47 -3.55
CA VAL B 9 -0.70 -40.44 -2.59
C VAL B 9 -0.11 -41.05 -1.32
N ILE B 10 -0.55 -42.26 -0.96
CA ILE B 10 0.04 -42.93 0.19
C ILE B 10 1.48 -43.31 -0.10
N LYS B 11 1.74 -43.91 -1.28
CA LYS B 11 3.07 -44.35 -1.64
C LYS B 11 4.06 -43.19 -1.76
N ASN B 12 3.56 -41.98 -2.00
CA ASN B 12 4.41 -40.79 -2.01
C ASN B 12 4.81 -40.43 -0.59
N ASP B 22 7.65 -54.31 16.98
CA ASP B 22 6.57 -54.70 17.88
C ASP B 22 5.85 -53.47 18.46
N GLU B 23 5.62 -52.48 17.60
CA GLU B 23 4.85 -51.30 17.99
C GLU B 23 3.38 -51.48 17.61
N ASP B 24 2.55 -50.55 18.06
CA ASP B 24 1.11 -50.61 17.85
C ASP B 24 0.68 -49.56 16.83
N CYS B 25 -0.23 -49.96 15.92
CA CYS B 25 -0.73 -49.09 14.86
C CYS B 25 -1.73 -48.13 15.48
N ILE B 26 -1.36 -46.84 15.56
CA ILE B 26 -2.15 -45.87 16.32
C ILE B 26 -3.50 -45.57 15.68
N ILE B 27 -3.73 -45.95 14.43
CA ILE B 27 -5.02 -45.71 13.80
C ILE B 27 -6.04 -46.75 14.23
N CYS B 28 -5.66 -48.03 14.17
CA CYS B 28 -6.53 -49.11 14.64
C CYS B 28 -6.01 -49.69 15.96
N GLU B 30 -4.23 -52.41 16.48
CA GLU B 30 -3.54 -53.69 16.37
C GLU B 30 -2.03 -53.47 16.20
N LYS B 31 -1.25 -54.54 16.34
CA LYS B 31 0.19 -54.44 16.25
C LYS B 31 0.61 -54.06 14.82
N LEU B 32 1.88 -53.68 14.67
CA LEU B 32 2.42 -53.46 13.34
C LEU B 32 2.53 -54.78 12.58
N SER B 33 2.79 -55.87 13.29
CA SER B 33 2.80 -57.18 12.67
C SER B 33 1.39 -57.59 12.24
N THR B 34 0.37 -57.22 13.02
CA THR B 34 -0.99 -57.66 12.77
C THR B 34 -1.65 -56.84 11.66
N ALA B 35 -2.83 -57.29 11.25
CA ALA B 35 -3.55 -56.72 10.12
C ALA B 35 -4.32 -55.46 10.52
N SER B 36 -4.67 -54.67 9.51
CA SER B 36 -5.42 -53.43 9.72
C SER B 36 -6.90 -53.71 10.01
N THR B 42 -12.65 -51.69 4.42
CA THR B 42 -11.56 -50.93 3.79
C THR B 42 -10.99 -51.69 2.60
N ASP B 43 -11.38 -51.29 1.39
CA ASP B 43 -11.02 -52.00 0.17
C ASP B 43 -9.92 -51.26 -0.58
N SER B 44 -9.00 -52.03 -1.17
CA SER B 44 -7.83 -51.47 -1.85
C SER B 44 -7.49 -52.32 -3.08
N LYS B 45 -6.51 -51.84 -3.85
CA LYS B 45 -5.99 -52.58 -4.99
C LYS B 45 -4.54 -52.99 -4.77
N ALA B 46 -3.61 -52.04 -4.68
CA ALA B 46 -2.20 -52.37 -4.53
C ALA B 46 -1.70 -52.28 -3.09
N ILE B 47 -2.60 -52.04 -2.13
CA ILE B 47 -2.25 -51.97 -0.72
C ILE B 47 -3.00 -53.08 0.01
N GLY B 48 -2.25 -54.08 0.51
CA GLY B 48 -2.85 -55.15 1.29
C GLY B 48 -2.91 -54.83 2.76
N SER B 49 -3.71 -55.63 3.48
CA SER B 49 -3.93 -55.46 4.92
C SER B 49 -2.69 -55.72 5.77
N LEU B 50 -1.58 -56.17 5.16
CA LEU B 50 -0.35 -56.43 5.90
C LEU B 50 0.74 -55.40 5.63
N ALA B 51 0.59 -54.55 4.62
CA ALA B 51 1.63 -53.60 4.29
C ALA B 51 1.73 -52.53 5.36
N VAL B 52 2.96 -52.09 5.63
CA VAL B 52 3.25 -51.14 6.69
C VAL B 52 4.47 -50.32 6.31
N LEU B 55 6.19 -42.35 7.35
CA LEU B 55 6.17 -41.18 6.48
C LEU B 55 7.57 -40.78 6.07
N THR B 56 7.71 -40.22 4.85
CA THR B 56 9.03 -39.88 4.33
C THR B 56 9.72 -38.82 5.18
N LYS B 57 8.96 -38.01 5.91
CA LYS B 57 9.50 -36.85 6.60
C LYS B 57 9.73 -37.12 8.09
N CYS B 58 8.66 -37.33 8.85
CA CYS B 58 8.77 -37.46 10.30
C CYS B 58 8.91 -38.91 10.77
N SER B 59 8.66 -39.89 9.89
CA SER B 59 9.01 -41.30 10.13
C SER B 59 8.15 -41.93 11.23
N HIS B 60 6.85 -41.69 11.16
CA HIS B 60 5.89 -42.40 12.01
C HIS B 60 5.29 -43.57 11.24
N HIS B 63 -0.34 -49.27 9.63
CA HIS B 63 -0.64 -50.05 8.43
C HIS B 63 -0.97 -49.08 7.29
N LEU B 64 -0.48 -49.38 6.08
CA LEU B 64 -0.78 -48.49 4.96
C LEU B 64 -2.26 -48.49 4.62
N LEU B 65 -2.95 -49.63 4.82
CA LEU B 65 -4.39 -49.67 4.61
C LEU B 65 -5.13 -48.77 5.61
N CYS B 66 -4.56 -48.55 6.80
CA CYS B 66 -5.22 -47.66 7.77
C CYS B 66 -5.01 -46.19 7.39
N LEU B 67 -3.81 -45.81 6.96
CA LEU B 67 -3.65 -44.49 6.36
C LEU B 67 -4.58 -44.32 5.18
N LEU B 68 -4.70 -45.37 4.35
CA LEU B 68 -5.55 -45.27 3.17
C LEU B 68 -7.01 -45.07 3.56
N ALA B 69 -7.48 -45.77 4.59
CA ALA B 69 -8.85 -45.56 5.04
C ALA B 69 -9.01 -44.16 5.63
N MET B 70 -8.01 -43.70 6.38
CA MET B 70 -8.03 -42.32 6.89
C MET B 70 -8.03 -41.31 5.74
N TYR B 71 -7.14 -41.50 4.76
CA TYR B 71 -7.06 -40.54 3.66
C TYR B 71 -8.27 -40.58 2.75
N CYS B 72 -9.12 -41.59 2.87
CA CYS B 72 -10.34 -41.70 2.07
C CYS B 72 -11.58 -41.16 2.78
N ASN B 73 -11.48 -40.86 4.07
CA ASN B 73 -12.63 -40.35 4.81
C ASN B 73 -12.46 -38.88 5.19
N LYS B 76 -10.09 -35.57 -0.43
CA LYS B 76 -8.80 -36.17 -0.79
C LYS B 76 -8.04 -35.24 -1.72
N ASP B 77 -7.46 -34.19 -1.14
CA ASP B 77 -6.74 -33.16 -1.87
C ASP B 77 -5.29 -33.53 -2.13
N GLY B 78 -4.98 -34.82 -2.21
CA GLY B 78 -3.60 -35.20 -2.37
C GLY B 78 -2.71 -34.90 -1.18
N SER B 79 -3.30 -34.55 -0.04
CA SER B 79 -2.58 -34.21 1.18
C SER B 79 -2.94 -35.19 2.28
N LEU B 80 -1.94 -35.52 3.11
CA LEU B 80 -2.13 -36.45 4.22
C LEU B 80 -1.51 -35.85 5.47
N GLN B 81 -2.26 -35.90 6.56
CA GLN B 81 -1.81 -35.36 7.85
C GLN B 81 -1.58 -36.52 8.82
N CYS B 82 -0.35 -36.69 9.26
CA CYS B 82 -0.01 -37.74 10.21
C CYS B 82 -0.90 -37.64 11.44
N PRO B 83 -1.53 -38.74 11.88
CA PRO B 83 -2.38 -38.67 13.08
C PRO B 83 -1.60 -38.75 14.39
N SER B 84 -0.29 -38.47 14.35
CA SER B 84 0.53 -38.46 15.56
C SER B 84 1.11 -37.09 15.87
N CYS B 85 1.79 -36.48 14.89
CA CYS B 85 2.38 -35.15 15.07
C CYS B 85 1.70 -34.09 14.22
N LYS B 86 0.63 -34.44 13.51
CA LYS B 86 -0.24 -33.52 12.80
C LYS B 86 0.44 -32.85 11.61
N THR B 87 1.64 -33.29 11.25
CA THR B 87 2.39 -32.77 10.10
C THR B 87 1.56 -32.66 8.82
N GLU B 91 0.23 -30.51 0.19
CA GLU B 91 -0.42 -29.21 0.25
C GLU B 91 -1.88 -29.37 0.67
N LYS B 92 -2.19 -29.00 1.91
CA LYS B 92 -3.54 -29.15 2.42
C LYS B 92 -4.45 -28.09 1.83
N THR B 93 -5.62 -28.50 1.36
CA THR B 93 -6.63 -27.56 0.94
C THR B 93 -7.93 -27.92 1.64
N GLY B 94 -8.92 -27.05 1.49
CA GLY B 94 -10.18 -27.21 2.19
C GLY B 94 -11.40 -27.13 1.30
N THR B 95 -12.57 -26.94 1.92
CA THR B 95 -13.85 -27.02 1.24
C THR B 95 -14.48 -25.64 1.11
N GLN B 96 -13.66 -24.64 0.88
CA GLN B 96 -14.11 -23.27 0.74
C GLN B 96 -14.90 -23.11 -0.55
N PRO B 97 -16.17 -22.68 -0.49
CA PRO B 97 -16.94 -22.49 -1.72
C PRO B 97 -16.38 -21.36 -2.58
N GLN B 98 -16.95 -21.22 -3.77
CA GLN B 98 -16.54 -20.15 -4.66
C GLN B 98 -16.83 -18.80 -4.01
N GLY B 99 -16.09 -17.78 -4.41
CA GLY B 99 -16.27 -16.48 -3.81
C GLY B 99 -15.19 -15.52 -4.25
N LYS B 100 -15.18 -14.37 -3.55
CA LYS B 100 -14.30 -13.28 -3.88
C LYS B 100 -13.69 -12.73 -2.62
N MET B 101 -12.43 -12.32 -2.72
CA MET B 101 -11.66 -11.74 -1.63
C MET B 101 -11.04 -10.48 -2.19
N GLU B 102 -11.45 -9.33 -1.67
CA GLU B 102 -11.00 -8.05 -2.18
C GLU B 102 -10.19 -7.36 -1.09
N VAL B 103 -9.10 -6.71 -1.47
CA VAL B 103 -8.14 -6.16 -0.52
C VAL B 103 -7.92 -4.68 -0.83
N LEU B 104 -8.08 -3.84 0.18
CA LEU B 104 -7.78 -2.42 0.10
C LEU B 104 -6.87 -2.06 1.25
N ARG B 105 -6.35 -0.84 1.20
CA ARG B 105 -5.48 -0.41 2.29
C ARG B 105 -5.77 1.07 2.51
N PHE B 106 -5.93 1.48 3.75
CA PHE B 106 -6.07 2.91 3.99
C PHE B 106 -5.10 3.37 5.06
N GLN B 107 -4.97 4.69 5.14
CA GLN B 107 -3.95 5.27 6.02
C GLN B 107 -4.41 5.30 7.46
N MET B 108 -5.73 5.34 7.68
CA MET B 108 -6.27 5.36 9.04
C MET B 108 -5.72 4.20 9.86
N SER B 109 -5.48 4.46 11.14
CA SER B 109 -4.82 3.53 12.05
C SER B 109 -5.85 2.73 12.84
N LEU B 110 -5.58 1.43 13.04
CA LEU B 110 -6.38 0.65 13.98
C LEU B 110 -6.02 1.01 15.41
N PRO B 111 -6.97 0.88 16.34
CA PRO B 111 -6.62 1.03 17.76
C PRO B 111 -5.55 0.03 18.15
N GLY B 112 -4.53 0.51 18.83
CA GLY B 112 -3.42 -0.35 19.22
C GLY B 112 -2.34 -0.45 18.18
N HIS B 113 -2.52 0.16 17.01
CA HIS B 113 -1.54 0.16 15.95
C HIS B 113 -1.46 1.56 15.35
N GLU B 114 -1.29 2.55 16.22
CA GLU B 114 -1.32 3.94 15.80
C GLU B 114 -0.14 4.32 14.92
N ASP B 115 0.80 3.40 14.72
CA ASP B 115 2.00 3.66 13.94
C ASP B 115 1.91 3.13 12.52
N CYS B 116 0.71 2.73 12.05
CA CYS B 116 0.59 2.27 10.68
C CYS B 116 -0.87 2.38 10.25
N GLY B 117 -1.08 2.20 8.96
CA GLY B 117 -2.41 2.16 8.39
C GLY B 117 -3.08 0.82 8.60
N THR B 118 -4.13 0.59 7.80
CA THR B 118 -5.00 -0.57 7.98
C THR B 118 -5.16 -1.29 6.65
N ILE B 119 -5.06 -2.60 6.70
CA ILE B 119 -5.41 -3.45 5.58
C ILE B 119 -6.86 -3.87 5.73
N LEU B 120 -7.66 -3.68 4.67
CA LEU B 120 -9.06 -4.07 4.67
C LEU B 120 -9.24 -5.29 3.77
N ILE B 121 -9.79 -6.36 4.31
CA ILE B 121 -10.10 -7.56 3.54
C ILE B 121 -11.61 -7.71 3.50
N VAL B 122 -12.18 -7.82 2.31
CA VAL B 122 -13.60 -8.02 2.13
C VAL B 122 -13.81 -9.39 1.48
N TYR B 123 -14.42 -10.30 2.22
CA TYR B 123 -14.78 -11.62 1.74
C TYR B 123 -16.25 -11.62 1.34
N SER B 124 -16.54 -12.19 0.17
CA SER B 124 -17.94 -12.34 -0.25
C SER B 124 -18.15 -13.75 -0.79
N ILE B 125 -19.03 -14.49 -0.15
CA ILE B 125 -19.42 -15.83 -0.57
C ILE B 125 -20.93 -15.89 -0.57
N PRO B 126 -21.57 -16.05 -1.73
CA PRO B 126 -23.03 -16.09 -1.86
C PRO B 126 -23.64 -17.45 -1.50
N ARG B 144 -24.09 -16.60 5.23
CA ARG B 144 -24.53 -15.68 6.28
C ARG B 144 -23.50 -14.59 6.59
N GLY B 145 -23.98 -13.36 6.75
CA GLY B 145 -23.14 -12.26 7.17
C GLY B 145 -22.19 -11.71 6.13
N PHE B 146 -22.31 -12.16 4.87
CA PHE B 146 -21.45 -11.64 3.81
C PHE B 146 -22.10 -10.41 3.18
N PRO B 147 -21.31 -9.41 2.74
CA PRO B 147 -19.84 -9.32 2.74
C PRO B 147 -19.24 -9.16 4.14
N ARG B 148 -18.24 -9.97 4.45
CA ARG B 148 -17.57 -9.94 5.75
C ARG B 148 -16.29 -9.11 5.65
N GLN B 149 -16.28 -7.98 6.36
CA GLN B 149 -15.11 -7.11 6.40
C GLN B 149 -14.13 -7.58 7.47
N CYS B 150 -12.83 -7.49 7.14
CA CYS B 150 -11.80 -7.90 8.08
C CYS B 150 -10.63 -6.93 8.00
N TYR B 151 -9.87 -6.85 9.08
CA TYR B 151 -8.88 -5.81 9.24
C TYR B 151 -7.58 -6.39 9.76
N LEU B 152 -6.47 -5.87 9.23
CA LEU B 152 -5.12 -6.12 9.71
C LEU B 152 -4.39 -4.81 9.83
N PRO B 153 -3.46 -4.67 10.78
CA PRO B 153 -2.59 -3.51 10.78
C PRO B 153 -1.68 -3.56 9.56
N ASP B 154 -1.49 -2.41 8.91
CA ASP B 154 -0.63 -2.34 7.73
C ASP B 154 0.83 -2.14 8.13
N ASN B 155 1.33 -3.05 8.94
CA ASN B 155 2.73 -3.07 9.31
C ASN B 155 3.40 -4.28 8.67
N ALA B 156 4.68 -4.47 8.97
CA ALA B 156 5.44 -5.55 8.36
C ALA B 156 4.80 -6.91 8.65
N GLN B 157 4.41 -7.14 9.91
CA GLN B 157 3.83 -8.43 10.26
C GLN B 157 2.43 -8.59 9.67
N GLY B 158 1.64 -7.51 9.69
CA GLY B 158 0.33 -7.56 9.06
C GLY B 158 0.41 -7.86 7.58
N ARG B 159 1.35 -7.24 6.87
CA ARG B 159 1.48 -7.52 5.45
C ARG B 159 1.88 -8.97 5.19
N LYS B 160 2.69 -9.55 6.08
CA LYS B 160 3.00 -10.97 5.96
C LYS B 160 1.75 -11.82 6.14
N VAL B 161 0.92 -11.50 7.14
CA VAL B 161 -0.31 -12.26 7.35
C VAL B 161 -1.22 -12.16 6.14
N LEU B 162 -1.36 -10.95 5.58
CA LEU B 162 -2.17 -10.78 4.38
C LEU B 162 -1.76 -11.74 3.27
N GLU B 163 -0.46 -11.79 2.97
CA GLU B 163 0.01 -12.68 1.91
C GLU B 163 -0.34 -14.13 2.21
N LEU B 164 -0.16 -14.57 3.46
CA LEU B 164 -0.51 -15.93 3.81
C LEU B 164 -2.01 -16.15 3.77
N LEU B 165 -2.80 -15.13 4.12
CA LEU B 165 -4.25 -15.25 3.99
C LEU B 165 -4.66 -15.42 2.53
N LYS B 166 -3.94 -14.78 1.62
CA LYS B 166 -4.23 -14.97 0.20
C LYS B 166 -3.96 -16.41 -0.22
N VAL B 167 -2.85 -16.98 0.24
CA VAL B 167 -2.55 -18.38 -0.05
C VAL B 167 -3.65 -19.28 0.49
N ALA B 168 -4.04 -19.06 1.75
CA ALA B 168 -5.11 -19.85 2.34
C ALA B 168 -6.42 -19.69 1.58
N TRP B 169 -6.74 -18.46 1.16
CA TRP B 169 -7.88 -18.28 0.27
C TRP B 169 -7.72 -19.13 -0.99
N LYS B 170 -6.53 -19.08 -1.61
CA LYS B 170 -6.30 -19.86 -2.83
C LYS B 170 -6.33 -21.36 -2.53
N ARG B 171 -5.70 -21.77 -1.43
CA ARG B 171 -5.81 -23.17 -1.02
C ARG B 171 -7.16 -23.50 -0.42
N ARG B 172 -8.15 -22.60 -0.53
CA ARG B 172 -9.53 -22.89 -0.13
C ARG B 172 -9.63 -23.22 1.35
N LEU B 173 -8.92 -22.47 2.19
CA LEU B 173 -8.79 -22.78 3.60
C LEU B 173 -9.45 -21.76 4.54
N ILE B 174 -9.93 -20.62 4.04
CA ILE B 174 -10.43 -19.59 4.93
C ILE B 174 -11.82 -19.96 5.46
N PHE B 175 -12.73 -20.35 4.57
CA PHE B 175 -14.08 -20.71 4.96
C PHE B 175 -14.34 -22.17 4.62
N THR B 176 -15.35 -22.74 5.27
CA THR B 176 -15.76 -24.11 5.01
C THR B 176 -17.28 -24.20 5.18
N VAL B 177 -17.81 -25.41 4.96
CA VAL B 177 -19.24 -25.65 5.03
C VAL B 177 -19.53 -26.47 6.30
N GLY B 178 -20.32 -25.90 7.19
CA GLY B 178 -20.64 -26.54 8.45
C GLY B 178 -21.82 -25.88 9.14
N THR B 179 -21.89 -26.06 10.46
CA THR B 179 -23.00 -25.58 11.27
C THR B 179 -22.54 -24.40 12.10
N SER B 180 -23.37 -23.36 12.15
CA SER B 180 -22.96 -22.10 12.74
C SER B 180 -22.88 -22.21 14.25
N SER B 181 -21.73 -21.80 14.81
CA SER B 181 -21.62 -21.67 16.25
C SER B 181 -22.54 -20.59 16.80
N THR B 182 -23.00 -19.68 15.96
CA THR B 182 -23.92 -18.62 16.37
C THR B 182 -25.24 -18.74 15.58
N THR B 188 -23.79 -24.54 6.44
CA THR B 188 -23.58 -23.15 6.04
C THR B 188 -22.10 -22.80 6.00
N VAL B 189 -21.79 -21.61 5.49
CA VAL B 189 -20.42 -21.12 5.39
C VAL B 189 -20.02 -20.52 6.73
N VAL B 190 -18.88 -20.97 7.25
CA VAL B 190 -18.39 -20.58 8.57
C VAL B 190 -16.88 -20.44 8.50
N TRP B 191 -16.32 -19.71 9.46
CA TRP B 191 -14.87 -19.65 9.59
C TRP B 191 -14.31 -21.04 9.84
N ASN B 192 -13.13 -21.30 9.30
CA ASN B 192 -12.46 -22.60 9.45
C ASN B 192 -11.11 -22.42 10.13
N GLU B 193 -11.13 -22.04 11.40
CA GLU B 193 -9.98 -22.07 12.31
C GLU B 193 -8.92 -21.02 12.01
N ILE B 194 -9.11 -20.16 11.00
CA ILE B 194 -8.27 -19.00 10.81
C ILE B 194 -9.09 -17.80 11.30
N HIS B 195 -8.80 -17.36 12.51
CA HIS B 195 -9.58 -16.32 13.16
C HIS B 195 -9.26 -14.96 12.54
N HIS B 196 -10.30 -14.18 12.24
CA HIS B 196 -10.19 -12.85 11.67
C HIS B 196 -10.75 -11.80 12.63
N LYS B 197 -10.31 -10.56 12.46
CA LYS B 197 -10.85 -9.41 13.18
C LYS B 197 -11.86 -8.67 12.30
N THR B 198 -13.07 -8.47 12.83
CA THR B 198 -14.19 -7.93 12.05
C THR B 198 -14.66 -6.53 12.49
N GLU B 199 -14.04 -5.94 13.52
CA GLU B 199 -14.32 -4.58 13.95
C GLU B 199 -12.99 -3.86 14.14
N MET B 200 -13.01 -2.53 14.05
CA MET B 200 -11.79 -1.79 14.28
C MET B 200 -11.59 -1.47 15.77
N ASP B 201 -12.59 -0.86 16.41
CA ASP B 201 -12.55 -0.63 17.85
C ASP B 201 -13.36 -1.72 18.55
N ARG B 202 -12.73 -2.45 19.46
CA ARG B 202 -13.39 -3.56 20.15
C ARG B 202 -14.34 -3.07 21.23
N GLY B 206 -13.82 -11.39 21.10
CA GLY B 206 -12.50 -11.22 20.54
C GLY B 206 -12.50 -10.99 19.04
N HIS B 207 -13.30 -10.02 18.60
CA HIS B 207 -13.46 -9.73 17.18
C HIS B 207 -12.86 -8.40 16.77
N GLY B 208 -12.01 -7.80 17.61
CA GLY B 208 -11.48 -6.47 17.30
C GLY B 208 -10.14 -6.10 17.91
N TYR B 209 -9.80 -4.82 17.82
CA TYR B 209 -8.52 -4.28 18.28
C TYR B 209 -8.72 -3.31 19.45
N PRO B 210 -7.67 -3.07 20.25
CA PRO B 210 -6.33 -3.66 20.21
C PRO B 210 -6.31 -5.13 20.60
N ASP B 211 -5.33 -5.85 20.10
CA ASP B 211 -5.12 -7.25 20.43
C ASP B 211 -3.66 -7.56 20.13
N PRO B 212 -2.77 -7.30 21.10
CA PRO B 212 -1.33 -7.40 20.80
C PRO B 212 -0.89 -8.77 20.31
N ASN B 213 -1.59 -9.84 20.71
CA ASN B 213 -1.20 -11.21 20.36
C ASN B 213 -1.85 -11.72 19.09
N TYR B 214 -2.71 -10.93 18.43
CA TYR B 214 -3.52 -11.49 17.34
C TYR B 214 -2.65 -11.96 16.19
N LEU B 215 -1.73 -11.11 15.73
CA LEU B 215 -0.89 -11.47 14.59
C LEU B 215 -0.10 -12.75 14.85
N GLN B 216 0.46 -12.88 16.05
CA GLN B 216 1.18 -14.10 16.40
C GLN B 216 0.23 -15.29 16.47
N ASN B 217 -0.99 -15.07 16.95
CA ASN B 217 -1.96 -16.15 17.04
C ASN B 217 -2.36 -16.64 15.65
N VAL B 218 -2.73 -15.72 14.77
CA VAL B 218 -3.20 -16.12 13.44
C VAL B 218 -2.06 -16.68 12.60
N LEU B 219 -0.81 -16.24 12.84
CA LEU B 219 0.31 -16.89 12.19
C LEU B 219 0.46 -18.33 12.65
N ALA B 220 0.33 -18.58 13.95
CA ALA B 220 0.34 -19.96 14.44
C ALA B 220 -0.79 -20.77 13.82
N GLU B 221 -1.97 -20.15 13.68
CA GLU B 221 -3.10 -20.86 13.08
C GLU B 221 -2.86 -21.16 11.62
N LEU B 222 -2.31 -20.19 10.88
CA LEU B 222 -2.05 -20.40 9.45
C LEU B 222 -1.07 -21.55 9.23
N ALA B 223 0.08 -21.50 9.91
CA ALA B 223 1.08 -22.55 9.79
C ALA B 223 0.53 -23.92 10.18
N ALA B 224 -0.58 -23.96 10.92
CA ALA B 224 -1.23 -25.23 11.22
C ALA B 224 -1.97 -25.80 10.01
N GLN B 225 -2.02 -25.07 8.90
CA GLN B 225 -2.66 -25.52 7.67
C GLN B 225 -1.68 -25.67 6.52
N GLY B 226 -0.37 -25.60 6.80
CA GLY B 226 0.63 -25.66 5.77
C GLY B 226 0.96 -24.33 5.11
N VAL B 227 0.39 -23.23 5.60
CA VAL B 227 0.67 -21.92 5.03
C VAL B 227 1.84 -21.31 5.81
N THR B 228 2.98 -21.17 5.15
CA THR B 228 4.24 -20.86 5.79
C THR B 228 4.99 -19.80 4.99
N GLU B 229 5.72 -18.95 5.70
CA GLU B 229 6.58 -17.96 5.05
C GLU B 229 7.72 -18.65 4.31
ZN ZN C . -3.26 -0.61 -20.24
ZN ZN D . -8.60 5.93 -8.93
ZN ZN E . 4.14 -38.21 12.20
ZN ZN F . -3.62 -49.92 11.55
#